data_3H7R
#
_entry.id   3H7R
#
_cell.length_a   173.431
_cell.length_b   39.909
_cell.length_c   47.223
_cell.angle_alpha   90.00
_cell.angle_beta   99.63
_cell.angle_gamma   90.00
#
_symmetry.space_group_name_H-M   'C 1 2 1'
#
loop_
_entity.id
_entity.type
_entity.pdbx_description
1 polymer 'Aldo-keto reductase'
2 non-polymer 'NADP NICOTINAMIDE-ADENINE-DINUCLEOTIDE PHOSPHATE'
3 non-polymer 'ACETATE ION'
4 non-polymer 1,2-ETHANEDIOL
5 water water
#
_entity_poly.entity_id   1
_entity_poly.type   'polypeptide(L)'
_entity_poly.pdbx_seq_one_letter_code
;MGSSHHHHHHSSGLVPRGSHMAAPIRFFELNTGAKLPCVGLGTYAMVATAIEQAIKIGYRHIDCASIYGNEKEIGGVLKK
LIGDGFVKREELFITSKLWSNDHLPEDVPKALEKTLQDLQIDYVDLYLIHWPASLKKESLMPTPEMLTKPDITSTWKAME
ALYDSGKARAIGVSNFSSKKLTDLLNVARVTPAVNQVECHPVWQQQGLHELCKSKGVHLSGYSPLGSQSKGEVRLKVLQN
PIVTEVAEKLGKTTAQVALRWGLQTGHSVLPKSSSGARLKENLDVFDWSIPEDLFTKFSNIPQEKFCRATEFAHETHGFY
KTIEELWDGEI
;
_entity_poly.pdbx_strand_id   A
#
loop_
_chem_comp.id
_chem_comp.type
_chem_comp.name
_chem_comp.formula
ACT non-polymer 'ACETATE ION' 'C2 H3 O2 -1'
EDO non-polymer 1,2-ETHANEDIOL 'C2 H6 O2'
NAP non-polymer 'NADP NICOTINAMIDE-ADENINE-DINUCLEOTIDE PHOSPHATE' 'C21 H28 N7 O17 P3'
#
# COMPACT_ATOMS: atom_id res chain seq x y z
N ILE A 25 7.20 15.37 12.12
CA ILE A 25 8.21 14.86 11.13
C ILE A 25 8.11 13.34 10.90
N ARG A 26 7.24 12.66 11.64
CA ARG A 26 7.09 11.22 11.44
C ARG A 26 5.72 10.83 10.85
N PHE A 27 5.01 11.81 10.29
CA PHE A 27 3.76 11.54 9.59
C PHE A 27 3.56 12.40 8.34
N PHE A 28 2.65 11.94 7.49
CA PHE A 28 2.14 12.69 6.37
C PHE A 28 0.70 13.05 6.67
N GLU A 29 0.34 14.31 6.49
CA GLU A 29 -1.04 14.72 6.70
C GLU A 29 -1.87 14.40 5.45
N LEU A 30 -2.99 13.71 5.66
CA LEU A 30 -3.94 13.44 4.59
C LEU A 30 -4.89 14.61 4.39
N ASN A 31 -5.58 14.62 3.26
CA ASN A 31 -6.55 15.67 2.97
C ASN A 31 -7.77 15.69 3.87
N THR A 32 -7.94 14.65 4.69
CA THR A 32 -8.96 14.62 5.74
C THR A 32 -8.48 15.27 7.05
N GLY A 33 -7.18 15.58 7.13
CA GLY A 33 -6.53 16.04 8.35
C GLY A 33 -5.88 14.96 9.18
N ALA A 34 -6.11 13.70 8.83
CA ALA A 34 -5.56 12.59 9.59
C ALA A 34 -4.06 12.49 9.36
N LYS A 35 -3.36 11.95 10.37
CA LYS A 35 -1.93 11.77 10.31
CA LYS A 35 -1.93 11.78 10.32
C LYS A 35 -1.60 10.33 9.97
N LEU A 36 -0.93 10.13 8.84
CA LEU A 36 -0.53 8.81 8.38
CA LEU A 36 -0.53 8.83 8.36
C LEU A 36 0.95 8.62 8.74
N PRO A 37 1.24 7.65 9.64
CA PRO A 37 2.65 7.45 10.03
C PRO A 37 3.49 7.09 8.81
N CYS A 38 4.67 7.68 8.71
CA CYS A 38 5.54 7.59 7.52
CA CYS A 38 5.39 7.58 7.45
C CYS A 38 5.92 6.19 7.12
N VAL A 39 6.17 5.34 8.13
CA VAL A 39 6.51 3.95 7.89
C VAL A 39 5.37 3.03 8.33
N GLY A 40 4.83 2.26 7.40
CA GLY A 40 3.80 1.27 7.67
C GLY A 40 4.36 -0.13 7.57
N LEU A 41 3.76 -1.06 8.30
CA LEU A 41 4.13 -2.47 8.25
C LEU A 41 3.43 -3.11 7.08
N GLY A 42 4.21 -3.65 6.15
CA GLY A 42 3.65 -4.52 5.11
C GLY A 42 3.25 -5.88 5.68
N THR A 43 2.03 -6.32 5.42
CA THR A 43 1.52 -7.56 6.02
C THR A 43 1.33 -8.72 5.05
N TYR A 44 1.67 -8.55 3.78
CA TYR A 44 1.57 -9.68 2.85
C TYR A 44 2.55 -10.78 3.29
N ALA A 45 2.04 -12.00 3.44
CA ALA A 45 2.82 -13.18 3.85
C ALA A 45 3.35 -13.10 5.28
N MET A 46 2.75 -12.24 6.10
CA MET A 46 3.13 -12.13 7.50
CA MET A 46 3.14 -12.13 7.51
C MET A 46 2.21 -12.95 8.40
N VAL A 47 2.78 -13.55 9.43
CA VAL A 47 2.01 -14.30 10.40
C VAL A 47 1.84 -13.49 11.69
N ALA A 48 0.90 -13.91 12.53
CA ALA A 48 0.53 -13.16 13.73
C ALA A 48 1.73 -12.81 14.62
N THR A 49 2.62 -13.76 14.86
CA THR A 49 3.74 -13.49 15.78
C THR A 49 4.60 -12.31 15.30
N ALA A 50 4.81 -12.22 13.99
CA ALA A 50 5.63 -11.16 13.42
C ALA A 50 4.90 -9.82 13.48
N ILE A 51 3.59 -9.82 13.26
CA ILE A 51 2.80 -8.59 13.40
C ILE A 51 2.86 -8.05 14.84
N GLU A 52 2.70 -8.94 15.81
CA GLU A 52 2.78 -8.55 17.22
CA GLU A 52 2.78 -8.56 17.22
C GLU A 52 4.17 -8.00 17.53
N GLN A 53 5.21 -8.71 17.10
CA GLN A 53 6.57 -8.23 17.30
CA GLN A 53 6.56 -8.23 17.30
C GLN A 53 6.77 -6.83 16.69
N ALA A 54 6.23 -6.61 15.50
CA ALA A 54 6.35 -5.32 14.83
C ALA A 54 5.75 -4.20 15.67
N ILE A 55 4.56 -4.41 16.22
CA ILE A 55 3.93 -3.37 17.01
C ILE A 55 4.76 -3.11 18.28
N LYS A 56 5.24 -4.17 18.93
CA LYS A 56 6.12 -4.01 20.09
C LYS A 56 7.37 -3.16 19.75
N ILE A 57 7.94 -3.39 18.57
CA ILE A 57 9.14 -2.72 18.12
C ILE A 57 8.87 -1.24 17.76
N GLY A 58 7.62 -0.91 17.46
CA GLY A 58 7.24 0.48 17.23
C GLY A 58 6.35 0.79 16.04
N TYR A 59 5.95 -0.20 15.26
CA TYR A 59 5.06 0.05 14.13
C TYR A 59 3.69 0.45 14.63
N ARG A 60 3.13 1.47 13.98
CA ARG A 60 1.81 1.97 14.34
CA ARG A 60 1.81 2.03 14.30
C ARG A 60 0.83 1.87 13.13
C ARG A 60 0.92 2.29 13.10
N HIS A 61 1.38 2.10 11.95
N HIS A 61 1.41 1.93 11.92
CA HIS A 61 0.68 2.01 10.68
C HIS A 61 0.80 0.56 10.18
N ILE A 62 -0.32 -0.08 9.94
CA ILE A 62 -0.36 -1.49 9.54
C ILE A 62 -1.13 -1.59 8.24
N ASP A 63 -0.45 -2.06 7.19
CA ASP A 63 -1.06 -2.15 5.87
C ASP A 63 -1.61 -3.54 5.63
N CYS A 64 -2.94 -3.66 5.69
CA CYS A 64 -3.61 -4.96 5.56
C CYS A 64 -4.38 -5.08 4.26
N ALA A 65 -4.86 -6.29 3.97
CA ALA A 65 -5.80 -6.50 2.87
C ALA A 65 -6.52 -7.82 3.08
N SER A 66 -7.80 -7.89 2.73
CA SER A 66 -8.53 -9.14 2.88
C SER A 66 -7.85 -10.24 2.09
N ILE A 67 -7.36 -9.93 0.89
CA ILE A 67 -6.78 -10.94 0.01
C ILE A 67 -5.50 -11.58 0.60
N TYR A 68 -4.87 -10.94 1.58
CA TYR A 68 -3.66 -11.52 2.20
C TYR A 68 -4.01 -12.72 3.07
N GLY A 69 -5.27 -12.87 3.44
CA GLY A 69 -5.75 -14.06 4.14
C GLY A 69 -5.41 -14.12 5.61
N ASN A 70 -4.88 -13.02 6.14
CA ASN A 70 -4.40 -12.98 7.54
C ASN A 70 -5.06 -11.91 8.40
N GLU A 71 -6.15 -11.31 7.93
CA GLU A 71 -6.79 -10.28 8.73
C GLU A 71 -7.34 -10.81 10.06
N LYS A 72 -7.86 -12.02 10.08
CA LYS A 72 -8.35 -12.63 11.34
CA LYS A 72 -8.37 -12.58 11.33
C LYS A 72 -7.22 -12.75 12.34
N GLU A 73 -6.08 -13.25 11.87
CA GLU A 73 -4.89 -13.37 12.75
C GLU A 73 -4.45 -12.01 13.28
N ILE A 74 -4.47 -11.01 12.40
CA ILE A 74 -4.09 -9.66 12.79
C ILE A 74 -5.06 -9.15 13.85
N GLY A 75 -6.34 -9.41 13.67
CA GLY A 75 -7.34 -8.96 14.63
C GLY A 75 -7.09 -9.52 16.03
N GLY A 76 -6.65 -10.77 16.10
CA GLY A 76 -6.30 -11.39 17.39
C GLY A 76 -5.16 -10.64 18.07
N VAL A 77 -4.16 -10.25 17.28
CA VAL A 77 -3.05 -9.47 17.78
C VAL A 77 -3.50 -8.09 18.26
N LEU A 78 -4.29 -7.39 17.47
CA LEU A 78 -4.77 -6.05 17.84
C LEU A 78 -5.62 -6.09 19.11
N LYS A 79 -6.49 -7.10 19.20
CA LYS A 79 -7.36 -7.26 20.37
CA LYS A 79 -7.35 -7.25 20.37
C LYS A 79 -6.52 -7.41 21.64
N LYS A 80 -5.48 -8.24 21.56
CA LYS A 80 -4.60 -8.47 22.71
C LYS A 80 -3.84 -7.22 23.11
N LEU A 81 -3.21 -6.55 22.14
CA LEU A 81 -2.40 -5.37 22.44
C LEU A 81 -3.19 -4.18 22.93
N ILE A 82 -4.40 -4.00 22.37
CA ILE A 82 -5.30 -2.95 22.85
C ILE A 82 -5.86 -3.33 24.22
N GLY A 83 -6.24 -4.60 24.39
CA GLY A 83 -6.76 -5.09 25.67
C GLY A 83 -5.79 -4.96 26.83
N ASP A 84 -4.51 -5.21 26.54
CA ASP A 84 -3.43 -5.12 27.53
C ASP A 84 -2.97 -3.68 27.79
N GLY A 85 -3.51 -2.73 27.04
CA GLY A 85 -3.11 -1.34 27.19
C GLY A 85 -1.76 -0.99 26.57
N PHE A 86 -1.22 -1.86 25.71
CA PHE A 86 0.05 -1.56 25.07
C PHE A 86 -0.10 -0.35 24.15
N VAL A 87 -1.17 -0.36 23.35
CA VAL A 87 -1.51 0.79 22.52
C VAL A 87 -3.02 1.01 22.63
N LYS A 88 -3.42 2.25 22.47
CA LYS A 88 -4.84 2.56 22.29
C LYS A 88 -5.15 2.48 20.80
N ARG A 89 -6.41 2.21 20.48
CA ARG A 89 -6.83 2.19 19.08
C ARG A 89 -6.39 3.43 18.31
N GLU A 90 -6.51 4.62 18.92
CA GLU A 90 -6.16 5.87 18.25
CA GLU A 90 -6.16 5.88 18.27
C GLU A 90 -4.68 6.01 17.95
N GLU A 91 -3.83 5.17 18.56
CA GLU A 91 -2.39 5.19 18.24
C GLU A 91 -2.05 4.40 16.98
N LEU A 92 -3.01 3.62 16.49
CA LEU A 92 -2.76 2.78 15.32
C LEU A 92 -3.44 3.37 14.10
N PHE A 93 -2.80 3.18 12.96
CA PHE A 93 -3.35 3.55 11.65
C PHE A 93 -3.47 2.25 10.89
N ILE A 94 -4.71 1.79 10.75
CA ILE A 94 -4.98 0.52 10.11
CA ILE A 94 -4.97 0.52 10.10
C ILE A 94 -5.58 0.73 8.72
N THR A 95 -4.90 0.20 7.71
CA THR A 95 -5.40 0.23 6.34
C THR A 95 -5.88 -1.15 5.94
N SER A 96 -7.00 -1.23 5.23
CA SER A 96 -7.34 -2.45 4.48
C SER A 96 -7.73 -2.09 3.06
N LYS A 97 -8.00 -3.15 2.28
CA LYS A 97 -8.24 -3.00 0.85
C LYS A 97 -9.37 -3.87 0.40
N LEU A 98 -10.15 -3.31 -0.51
CA LEU A 98 -11.26 -3.98 -1.17
C LEU A 98 -10.77 -4.82 -2.34
N TRP A 99 -10.97 -6.13 -2.25
CA TRP A 99 -10.51 -7.02 -3.30
C TRP A 99 -11.41 -6.90 -4.53
N SER A 100 -10.85 -7.30 -5.66
CA SER A 100 -11.47 -7.09 -6.97
C SER A 100 -12.76 -7.85 -7.25
N ASN A 101 -13.01 -8.93 -6.52
CA ASN A 101 -14.29 -9.63 -6.68
C ASN A 101 -15.45 -8.94 -5.96
N ASP A 102 -15.14 -7.92 -5.13
CA ASP A 102 -16.09 -7.21 -4.28
CA ASP A 102 -16.20 -7.23 -4.39
C ASP A 102 -16.35 -5.77 -4.80
N HIS A 103 -16.07 -5.48 -6.07
CA HIS A 103 -16.24 -4.13 -6.61
C HIS A 103 -17.69 -3.66 -6.75
N LEU A 104 -18.63 -4.58 -6.92
CA LEU A 104 -20.02 -4.16 -7.12
C LEU A 104 -20.55 -3.44 -5.86
N PRO A 105 -21.42 -2.43 -6.05
CA PRO A 105 -21.83 -1.60 -4.91
C PRO A 105 -22.44 -2.37 -3.74
N GLU A 106 -23.20 -3.43 -4.02
CA GLU A 106 -23.79 -4.24 -2.95
C GLU A 106 -22.72 -4.96 -2.14
N ASP A 107 -21.60 -5.29 -2.78
CA ASP A 107 -20.56 -6.09 -2.16
C ASP A 107 -19.55 -5.28 -1.37
N VAL A 108 -19.36 -4.03 -1.76
CA VAL A 108 -18.37 -3.16 -1.11
C VAL A 108 -18.57 -3.10 0.42
N PRO A 109 -19.78 -2.74 0.88
CA PRO A 109 -19.92 -2.66 2.33
C PRO A 109 -19.81 -4.02 3.05
N LYS A 110 -20.19 -5.09 2.36
CA LYS A 110 -20.09 -6.42 2.95
C LYS A 110 -18.63 -6.81 3.12
N ALA A 111 -17.79 -6.40 2.17
CA ALA A 111 -16.36 -6.68 2.23
C ALA A 111 -15.74 -5.96 3.41
N LEU A 112 -16.06 -4.68 3.57
CA LEU A 112 -15.50 -3.96 4.71
C LEU A 112 -16.00 -4.52 6.05
N GLU A 113 -17.29 -4.88 6.13
CA GLU A 113 -17.81 -5.50 7.36
CA GLU A 113 -17.83 -5.51 7.35
C GLU A 113 -17.02 -6.74 7.75
N LYS A 114 -16.71 -7.59 6.76
CA LYS A 114 -15.95 -8.82 7.02
CA LYS A 114 -15.96 -8.82 7.05
C LYS A 114 -14.56 -8.47 7.54
N THR A 115 -13.94 -7.49 6.90
CA THR A 115 -12.62 -6.99 7.32
C THR A 115 -12.65 -6.47 8.75
N LEU A 116 -13.68 -5.70 9.09
CA LEU A 116 -13.78 -5.16 10.45
C LEU A 116 -14.01 -6.26 11.49
N GLN A 117 -14.83 -7.26 11.14
CA GLN A 117 -15.04 -8.41 12.02
C GLN A 117 -13.71 -9.15 12.26
N ASP A 118 -12.97 -9.41 11.18
CA ASP A 118 -11.71 -10.13 11.26
C ASP A 118 -10.67 -9.35 12.06
N LEU A 119 -10.57 -8.05 11.78
CA LEU A 119 -9.60 -7.20 12.49
C LEU A 119 -10.04 -6.83 13.91
N GLN A 120 -11.30 -7.11 14.26
CA GLN A 120 -11.81 -6.85 15.62
C GLN A 120 -11.75 -5.36 15.97
N ILE A 121 -12.05 -4.52 14.98
CA ILE A 121 -12.10 -3.08 15.15
C ILE A 121 -13.40 -2.53 14.58
N ASP A 122 -13.75 -1.31 14.97
CA ASP A 122 -15.00 -0.68 14.56
C ASP A 122 -14.89 0.14 13.28
N TYR A 123 -13.66 0.50 12.92
CA TYR A 123 -13.39 1.28 11.71
C TYR A 123 -11.96 1.00 11.26
N VAL A 124 -11.70 1.16 9.96
CA VAL A 124 -10.33 1.25 9.47
C VAL A 124 -9.99 2.74 9.31
N ASP A 125 -8.70 3.06 9.45
CA ASP A 125 -8.23 4.43 9.18
C ASP A 125 -8.18 4.77 7.70
N LEU A 126 -8.00 3.74 6.86
CA LEU A 126 -7.91 3.89 5.43
C LEU A 126 -8.42 2.65 4.74
N TYR A 127 -9.30 2.82 3.76
CA TYR A 127 -9.80 1.70 2.97
C TYR A 127 -9.55 2.03 1.52
N LEU A 128 -8.88 1.12 0.81
CA LEU A 128 -8.47 1.38 -0.57
C LEU A 128 -9.12 0.40 -1.54
N ILE A 129 -9.46 0.89 -2.72
CA ILE A 129 -9.76 -0.01 -3.85
C ILE A 129 -8.43 -0.64 -4.27
N HIS A 130 -8.31 -1.96 -4.14
CA HIS A 130 -6.98 -2.60 -4.27
C HIS A 130 -6.45 -2.49 -5.70
N TRP A 131 -7.34 -2.68 -6.68
CA TRP A 131 -6.98 -2.62 -8.11
C TRP A 131 -8.10 -1.98 -8.91
N PRO A 132 -7.76 -1.29 -10.02
CA PRO A 132 -8.81 -0.72 -10.89
C PRO A 132 -9.55 -1.75 -11.72
N ALA A 133 -9.09 -2.99 -11.69
CA ALA A 133 -9.68 -4.10 -12.43
C ALA A 133 -10.58 -4.93 -11.53
N SER A 134 -11.71 -5.33 -12.06
CA SER A 134 -12.71 -6.09 -11.33
C SER A 134 -12.76 -7.56 -11.74
N LEU A 135 -13.29 -8.38 -10.84
CA LEU A 135 -13.48 -9.80 -11.05
C LEU A 135 -14.92 -10.19 -10.73
N LYS A 136 -15.36 -11.31 -11.28
CA LYS A 136 -16.67 -11.85 -10.93
C LYS A 136 -16.72 -12.14 -9.42
N LYS A 137 -17.87 -11.92 -8.83
CA LYS A 137 -18.09 -12.13 -7.39
CA LYS A 137 -18.04 -12.11 -7.39
C LYS A 137 -17.60 -13.51 -6.91
N GLU A 138 -17.88 -14.54 -7.71
CA GLU A 138 -17.56 -15.91 -7.32
C GLU A 138 -16.06 -16.20 -7.24
N SER A 139 -15.25 -15.34 -7.83
CA SER A 139 -13.85 -15.61 -7.96
C SER A 139 -13.11 -15.01 -6.79
N LEU A 140 -11.87 -15.46 -6.62
CA LEU A 140 -10.93 -14.85 -5.69
C LEU A 140 -9.65 -14.53 -6.43
N MET A 141 -8.91 -15.52 -6.91
CA MET A 141 -7.68 -15.23 -7.64
CA MET A 141 -7.69 -15.15 -7.62
C MET A 141 -8.03 -14.82 -9.08
N PRO A 142 -7.32 -13.84 -9.62
CA PRO A 142 -7.62 -13.34 -10.96
C PRO A 142 -7.21 -14.36 -12.02
N THR A 143 -8.18 -14.72 -12.87
CA THR A 143 -7.94 -15.55 -14.04
C THR A 143 -8.67 -14.90 -15.20
N PRO A 144 -8.25 -15.20 -16.44
CA PRO A 144 -8.83 -14.45 -17.56
C PRO A 144 -10.35 -14.54 -17.64
N GLU A 145 -10.92 -15.72 -17.43
CA GLU A 145 -12.38 -15.86 -17.60
C GLU A 145 -13.17 -15.14 -16.49
N MET A 146 -12.51 -14.81 -15.39
CA MET A 146 -13.13 -14.12 -14.25
CA MET A 146 -13.18 -14.13 -14.28
C MET A 146 -13.08 -12.60 -14.34
N LEU A 147 -12.34 -12.07 -15.31
CA LEU A 147 -12.21 -10.61 -15.46
C LEU A 147 -13.54 -10.00 -15.93
N THR A 148 -13.91 -8.86 -15.36
CA THR A 148 -15.14 -8.18 -15.73
C THR A 148 -14.86 -6.73 -16.10
N LYS A 149 -15.86 -6.08 -16.67
CA LYS A 149 -15.79 -4.64 -16.94
C LYS A 149 -15.99 -3.90 -15.63
N PRO A 150 -14.98 -3.10 -15.23
CA PRO A 150 -15.11 -2.36 -14.00
C PRO A 150 -16.05 -1.17 -14.13
N ASP A 151 -16.46 -0.64 -12.99
CA ASP A 151 -17.31 0.54 -12.93
C ASP A 151 -16.83 1.26 -11.67
N ILE A 152 -15.68 1.91 -11.81
CA ILE A 152 -15.02 2.51 -10.66
C ILE A 152 -15.87 3.65 -10.07
N THR A 153 -16.64 4.36 -10.88
CA THR A 153 -17.54 5.39 -10.35
C THR A 153 -18.52 4.81 -9.33
N SER A 154 -19.14 3.68 -9.66
CA SER A 154 -20.10 3.04 -8.75
C SER A 154 -19.39 2.49 -7.53
N THR A 155 -18.21 1.90 -7.73
CA THR A 155 -17.45 1.36 -6.61
C THR A 155 -17.05 2.48 -5.68
N TRP A 156 -16.57 3.58 -6.24
CA TRP A 156 -16.21 4.74 -5.42
C TRP A 156 -17.39 5.31 -4.67
N LYS A 157 -18.57 5.38 -5.28
CA LYS A 157 -19.76 5.87 -4.56
CA LYS A 157 -19.73 5.89 -4.55
C LYS A 157 -20.01 5.02 -3.33
N ALA A 158 -19.84 3.71 -3.46
CA ALA A 158 -20.00 2.83 -2.31
C ALA A 158 -18.91 3.07 -1.25
N MET A 159 -17.68 3.35 -1.70
CA MET A 159 -16.61 3.70 -0.78
C MET A 159 -16.96 5.00 -0.04
N GLU A 160 -17.51 5.96 -0.77
CA GLU A 160 -17.95 7.22 -0.17
C GLU A 160 -19.00 6.98 0.91
N ALA A 161 -19.90 6.01 0.73
CA ALA A 161 -20.87 5.69 1.79
C ALA A 161 -20.19 5.16 3.05
N LEU A 162 -19.12 4.40 2.89
CA LEU A 162 -18.34 3.89 4.03
C LEU A 162 -17.64 5.03 4.79
N TYR A 163 -17.16 6.01 4.04
CA TYR A 163 -16.57 7.22 4.62
C TYR A 163 -17.65 8.00 5.37
N ASP A 164 -18.80 8.18 4.74
CA ASP A 164 -19.90 8.95 5.35
C ASP A 164 -20.45 8.33 6.66
N SER A 165 -20.32 7.00 6.82
CA SER A 165 -20.76 6.32 8.04
CA SER A 165 -20.75 6.29 8.03
C SER A 165 -19.60 6.01 8.98
N GLY A 166 -18.40 6.51 8.68
CA GLY A 166 -17.28 6.38 9.58
C GLY A 166 -16.69 4.98 9.70
N LYS A 167 -17.06 4.08 8.79
CA LYS A 167 -16.48 2.73 8.74
C LYS A 167 -15.05 2.76 8.23
N ALA A 168 -14.77 3.73 7.36
CA ALA A 168 -13.42 3.99 6.84
C ALA A 168 -13.18 5.49 7.01
N ARG A 169 -12.26 5.86 7.87
CA ARG A 169 -12.05 7.27 8.15
C ARG A 169 -11.40 8.04 7.02
N ALA A 170 -10.73 7.32 6.11
CA ALA A 170 -10.26 7.86 4.85
C ALA A 170 -10.44 6.76 3.83
N ILE A 171 -10.71 7.17 2.59
CA ILE A 171 -10.84 6.24 1.48
C ILE A 171 -9.89 6.64 0.37
N GLY A 172 -9.42 5.64 -0.39
CA GLY A 172 -8.40 5.87 -1.40
C GLY A 172 -8.39 4.72 -2.38
N VAL A 173 -7.35 4.74 -3.21
CA VAL A 173 -7.18 3.76 -4.25
C VAL A 173 -5.77 3.20 -4.23
N SER A 174 -5.59 2.14 -5.00
CA SER A 174 -4.27 1.51 -5.13
C SER A 174 -4.12 1.04 -6.58
N ASN A 175 -2.89 1.15 -7.10
CA ASN A 175 -2.58 0.73 -8.46
C ASN A 175 -3.32 1.53 -9.53
N PHE A 176 -3.60 2.81 -9.25
CA PHE A 176 -4.23 3.67 -10.23
C PHE A 176 -3.16 4.52 -10.90
N SER A 177 -3.11 4.41 -12.23
CA SER A 177 -2.26 5.25 -13.06
C SER A 177 -2.61 6.73 -12.93
N SER A 178 -1.74 7.59 -13.43
CA SER A 178 -2.03 9.03 -13.45
C SER A 178 -3.38 9.27 -14.11
N LYS A 179 -3.63 8.61 -15.23
CA LYS A 179 -4.88 8.79 -15.97
CA LYS A 179 -4.87 8.81 -15.97
C LYS A 179 -6.08 8.33 -15.17
N LYS A 180 -6.00 7.13 -14.60
CA LYS A 180 -7.14 6.58 -13.85
C LYS A 180 -7.40 7.39 -12.58
N LEU A 181 -6.34 7.89 -11.93
CA LEU A 181 -6.53 8.76 -10.77
C LEU A 181 -7.20 10.05 -11.20
N THR A 182 -6.74 10.63 -12.31
CA THR A 182 -7.34 11.86 -12.83
C THR A 182 -8.82 11.64 -13.14
N ASP A 183 -9.12 10.49 -13.75
CA ASP A 183 -10.51 10.22 -14.14
C ASP A 183 -11.41 10.09 -12.91
N LEU A 184 -10.89 9.46 -11.86
CA LEU A 184 -11.63 9.35 -10.61
C LEU A 184 -11.82 10.72 -9.97
N LEU A 185 -10.76 11.52 -9.94
CA LEU A 185 -10.82 12.84 -9.34
C LEU A 185 -11.88 13.69 -10.03
N ASN A 186 -12.06 13.48 -11.34
CA ASN A 186 -13.07 14.24 -12.08
C ASN A 186 -14.53 13.89 -11.74
N VAL A 187 -14.77 12.72 -11.14
CA VAL A 187 -16.15 12.33 -10.77
C VAL A 187 -16.41 12.24 -9.26
N ALA A 188 -15.34 12.24 -8.46
CA ALA A 188 -15.43 11.95 -7.03
C ALA A 188 -16.01 13.12 -6.26
N ARG A 189 -16.88 12.84 -5.28
CA ARG A 189 -17.28 13.85 -4.31
C ARG A 189 -16.25 13.96 -3.20
N VAL A 190 -15.89 12.81 -2.65
CA VAL A 190 -14.84 12.70 -1.65
C VAL A 190 -13.53 12.45 -2.41
N THR A 191 -12.60 13.40 -2.32
CA THR A 191 -11.30 13.23 -2.98
C THR A 191 -10.55 12.02 -2.38
N PRO A 192 -10.04 11.10 -3.22
CA PRO A 192 -9.22 10.03 -2.67
C PRO A 192 -8.09 10.58 -1.79
N ALA A 193 -7.90 9.99 -0.62
CA ALA A 193 -6.87 10.45 0.32
C ALA A 193 -5.49 9.92 -0.03
N VAL A 194 -5.44 8.74 -0.62
CA VAL A 194 -4.19 7.99 -0.86
C VAL A 194 -4.33 7.25 -2.18
N ASN A 195 -3.21 7.18 -2.90
CA ASN A 195 -3.02 6.24 -4.02
C ASN A 195 -1.79 5.44 -3.66
N GLN A 196 -2.00 4.17 -3.33
CA GLN A 196 -0.89 3.28 -2.93
C GLN A 196 -0.40 2.54 -4.16
N VAL A 197 0.87 2.75 -4.49
CA VAL A 197 1.46 2.22 -5.73
C VAL A 197 2.84 1.71 -5.47
N GLU A 198 3.32 0.80 -6.34
CA GLU A 198 4.68 0.33 -6.24
C GLU A 198 5.62 1.52 -6.34
N CYS A 199 6.56 1.66 -5.40
CA CYS A 199 7.52 2.75 -5.47
C CYS A 199 8.76 2.42 -4.68
N HIS A 200 9.90 2.55 -5.35
CA HIS A 200 11.21 2.19 -4.80
C HIS A 200 12.23 2.80 -5.79
N PRO A 201 13.53 2.70 -5.51
CA PRO A 201 14.49 3.37 -6.41
C PRO A 201 14.48 2.90 -7.87
N VAL A 202 13.95 1.72 -8.12
CA VAL A 202 13.85 1.16 -9.47
C VAL A 202 12.52 1.49 -10.16
N TRP A 203 11.59 2.09 -9.42
CA TRP A 203 10.30 2.52 -9.98
C TRP A 203 9.85 3.77 -9.21
N GLN A 204 10.37 4.92 -9.63
CA GLN A 204 10.34 6.12 -8.78
C GLN A 204 9.05 6.94 -8.85
N GLN A 205 8.25 6.76 -9.89
CA GLN A 205 6.90 7.35 -9.97
C GLN A 205 6.96 8.88 -9.93
N GLN A 206 7.94 9.48 -10.61
CA GLN A 206 8.09 10.93 -10.54
CA GLN A 206 8.10 10.94 -10.55
C GLN A 206 6.83 11.68 -10.98
N GLY A 207 6.29 11.33 -12.13
CA GLY A 207 5.10 12.01 -12.66
C GLY A 207 3.90 11.86 -11.74
N LEU A 208 3.70 10.66 -11.20
CA LEU A 208 2.54 10.47 -10.37
C LEU A 208 2.70 11.22 -9.05
N HIS A 209 3.92 11.32 -8.53
CA HIS A 209 4.16 12.15 -7.33
C HIS A 209 3.68 13.59 -7.58
N GLU A 210 4.09 14.15 -8.72
CA GLU A 210 3.71 15.53 -9.09
C GLU A 210 2.20 15.68 -9.12
N LEU A 211 1.51 14.74 -9.73
CA LEU A 211 0.05 14.83 -9.86
C LEU A 211 -0.57 14.73 -8.49
N CYS A 212 -0.18 13.70 -7.74
CA CYS A 212 -0.72 13.54 -6.40
C CYS A 212 -0.54 14.75 -5.52
N LYS A 213 0.66 15.28 -5.50
CA LYS A 213 0.94 16.51 -4.72
C LYS A 213 0.03 17.66 -5.12
N SER A 214 -0.13 17.86 -6.43
CA SER A 214 -0.93 19.00 -6.92
C SER A 214 -2.42 18.86 -6.55
N LYS A 215 -2.89 17.64 -6.31
CA LYS A 215 -4.29 17.39 -5.99
C LYS A 215 -4.54 17.10 -4.50
N GLY A 216 -3.48 17.11 -3.70
CA GLY A 216 -3.60 16.83 -2.27
C GLY A 216 -3.84 15.37 -1.95
N VAL A 217 -3.49 14.46 -2.87
CA VAL A 217 -3.54 13.02 -2.66
C VAL A 217 -2.17 12.58 -2.19
N HIS A 218 -2.14 11.77 -1.14
CA HIS A 218 -0.89 11.20 -0.65
C HIS A 218 -0.52 9.97 -1.48
N LEU A 219 0.73 9.91 -1.94
CA LEU A 219 1.24 8.70 -2.62
C LEU A 219 1.90 7.84 -1.53
N SER A 220 1.53 6.57 -1.48
CA SER A 220 2.09 5.62 -0.52
C SER A 220 2.77 4.52 -1.31
N GLY A 221 4.04 4.27 -0.97
CA GLY A 221 4.90 3.34 -1.71
C GLY A 221 4.85 1.92 -1.19
N TYR A 222 4.27 1.03 -1.97
CA TYR A 222 4.33 -0.37 -1.65
C TYR A 222 5.56 -1.02 -2.25
N SER A 223 5.91 -2.19 -1.75
CA SER A 223 7.12 -2.88 -2.17
C SER A 223 8.33 -1.96 -2.18
N PRO A 224 8.56 -1.23 -1.07
CA PRO A 224 9.63 -0.24 -1.06
C PRO A 224 11.06 -0.84 -1.07
N LEU A 225 11.16 -2.15 -0.81
CA LEU A 225 12.44 -2.86 -0.86
C LEU A 225 12.59 -3.69 -2.10
N GLY A 226 11.64 -3.57 -3.04
CA GLY A 226 11.67 -4.35 -4.28
C GLY A 226 10.78 -5.57 -4.36
N SER A 227 9.90 -5.76 -3.37
CA SER A 227 8.87 -6.78 -3.37
C SER A 227 9.31 -8.20 -2.97
N GLN A 228 8.32 -9.06 -2.75
CA GLN A 228 8.54 -10.44 -2.42
C GLN A 228 8.51 -11.39 -3.64
N SER A 229 8.50 -10.81 -4.84
CA SER A 229 8.48 -11.64 -6.04
C SER A 229 9.60 -12.67 -6.04
N LYS A 230 9.30 -13.89 -6.55
CA LYS A 230 10.26 -14.99 -6.58
C LYS A 230 11.41 -14.63 -7.49
N GLY A 231 12.53 -15.30 -7.28
CA GLY A 231 13.73 -15.09 -8.07
C GLY A 231 14.53 -13.88 -7.59
N GLU A 232 14.39 -13.54 -6.31
CA GLU A 232 15.18 -12.47 -5.69
C GLU A 232 15.11 -11.13 -6.46
N VAL A 233 13.95 -10.81 -7.01
CA VAL A 233 13.75 -9.58 -7.75
C VAL A 233 14.16 -8.35 -6.93
N ARG A 234 13.91 -8.42 -5.62
CA ARG A 234 14.24 -7.33 -4.72
C ARG A 234 15.72 -6.97 -4.68
N LEU A 235 16.60 -7.85 -5.14
CA LEU A 235 18.02 -7.53 -5.19
C LEU A 235 18.31 -6.35 -6.16
N LYS A 236 17.41 -6.12 -7.11
CA LYS A 236 17.53 -4.96 -7.98
C LYS A 236 17.42 -3.64 -7.21
N VAL A 237 16.82 -3.67 -6.02
CA VAL A 237 16.78 -2.52 -5.14
C VAL A 237 17.86 -2.66 -4.05
N LEU A 238 17.81 -3.77 -3.32
CA LEU A 238 18.69 -3.93 -2.16
C LEU A 238 20.16 -4.11 -2.49
N GLN A 239 20.47 -4.49 -3.73
CA GLN A 239 21.86 -4.55 -4.18
C GLN A 239 22.12 -3.71 -5.44
N ASN A 240 21.27 -2.72 -5.68
CA ASN A 240 21.55 -1.78 -6.77
C ASN A 240 22.87 -1.08 -6.49
N PRO A 241 23.73 -0.86 -7.51
CA PRO A 241 25.04 -0.27 -7.23
C PRO A 241 25.03 1.12 -6.59
N ILE A 242 24.08 1.95 -7.00
CA ILE A 242 23.95 3.30 -6.40
C ILE A 242 23.44 3.21 -4.97
N VAL A 243 22.41 2.41 -4.74
CA VAL A 243 21.91 2.19 -3.37
C VAL A 243 23.04 1.67 -2.47
N THR A 244 23.82 0.72 -2.98
CA THR A 244 24.93 0.14 -2.23
C THR A 244 26.02 1.17 -1.92
N GLU A 245 26.34 2.02 -2.90
CA GLU A 245 27.33 3.09 -2.70
C GLU A 245 26.88 4.05 -1.60
N VAL A 246 25.62 4.46 -1.66
CA VAL A 246 25.08 5.42 -0.70
C VAL A 246 25.06 4.80 0.70
N ALA A 247 24.67 3.53 0.79
CA ALA A 247 24.66 2.79 2.04
C ALA A 247 26.06 2.76 2.66
N GLU A 248 27.06 2.44 1.85
CA GLU A 248 28.45 2.40 2.34
CA GLU A 248 28.45 2.40 2.33
C GLU A 248 28.89 3.77 2.84
N LYS A 249 28.61 4.81 2.07
CA LYS A 249 29.05 6.16 2.45
C LYS A 249 28.39 6.70 3.71
N LEU A 250 27.15 6.28 3.98
CA LEU A 250 26.38 6.79 5.12
C LEU A 250 26.42 5.86 6.34
N GLY A 251 27.02 4.67 6.18
CA GLY A 251 27.07 3.66 7.24
C GLY A 251 25.73 3.06 7.61
N LYS A 252 24.89 2.85 6.59
CA LYS A 252 23.56 2.30 6.77
C LYS A 252 23.38 1.09 5.88
N THR A 253 22.35 0.29 6.11
CA THR A 253 22.08 -0.83 5.22
C THR A 253 21.41 -0.32 3.94
N THR A 254 21.40 -1.17 2.92
CA THR A 254 20.72 -0.80 1.70
C THR A 254 19.20 -0.70 1.88
N ALA A 255 18.62 -1.52 2.76
CA ALA A 255 17.21 -1.40 3.07
C ALA A 255 16.92 -0.04 3.70
N GLN A 256 17.75 0.36 4.66
CA GLN A 256 17.60 1.67 5.27
C GLN A 256 17.68 2.81 4.25
N VAL A 257 18.62 2.71 3.32
CA VAL A 257 18.76 3.75 2.30
C VAL A 257 17.54 3.75 1.37
N ALA A 258 17.08 2.58 0.94
CA ALA A 258 15.90 2.50 0.07
C ALA A 258 14.69 3.17 0.74
N LEU A 259 14.51 2.89 2.03
CA LEU A 259 13.38 3.43 2.77
C LEU A 259 13.51 4.93 3.00
N ARG A 260 14.70 5.35 3.42
CA ARG A 260 14.92 6.78 3.60
C ARG A 260 14.78 7.56 2.27
N TRP A 261 15.25 6.96 1.19
CA TRP A 261 15.05 7.54 -0.12
C TRP A 261 13.55 7.78 -0.38
N GLY A 262 12.72 6.81 -0.07
CA GLY A 262 11.29 6.95 -0.29
C GLY A 262 10.68 8.07 0.53
N LEU A 263 11.02 8.11 1.80
CA LEU A 263 10.53 9.21 2.66
C LEU A 263 10.94 10.60 2.14
N GLN A 264 12.20 10.71 1.72
CA GLN A 264 12.70 11.98 1.20
C GLN A 264 12.07 12.36 -0.15
N THR A 265 11.55 11.37 -0.85
CA THR A 265 10.84 11.59 -2.11
C THR A 265 9.38 11.97 -1.85
N GLY A 266 8.95 11.90 -0.59
CA GLY A 266 7.64 12.41 -0.18
C GLY A 266 6.50 11.41 -0.16
N HIS A 267 6.77 10.11 -0.07
CA HIS A 267 5.74 9.10 0.09
C HIS A 267 6.01 8.30 1.34
N SER A 268 4.96 7.73 1.90
CA SER A 268 5.10 6.75 2.95
C SER A 268 5.69 5.48 2.32
N VAL A 269 6.26 4.63 3.17
CA VAL A 269 6.86 3.35 2.77
C VAL A 269 6.29 2.23 3.61
N LEU A 270 6.05 1.07 3.00
CA LEU A 270 5.35 -0.06 3.64
C LEU A 270 6.18 -1.34 3.74
N PRO A 271 7.39 -1.26 4.31
CA PRO A 271 8.25 -2.45 4.32
C PRO A 271 7.70 -3.62 5.09
N LYS A 272 7.86 -4.79 4.51
CA LYS A 272 7.46 -6.04 5.14
C LYS A 272 8.70 -6.82 5.61
N SER A 273 8.69 -7.35 6.82
CA SER A 273 9.67 -8.35 7.23
C SER A 273 9.14 -9.29 8.30
N SER A 274 9.48 -10.57 8.16
CA SER A 274 9.13 -11.56 9.17
CA SER A 274 9.16 -11.60 9.15
C SER A 274 10.17 -11.63 10.29
N SER A 275 11.26 -10.88 10.16
CA SER A 275 12.37 -10.89 11.11
C SER A 275 12.31 -9.69 12.03
N GLY A 276 12.35 -9.96 13.34
CA GLY A 276 12.43 -8.91 14.33
C GLY A 276 13.60 -7.95 14.12
N ALA A 277 14.77 -8.50 13.79
CA ALA A 277 15.92 -7.66 13.52
C ALA A 277 15.69 -6.71 12.34
N ARG A 278 15.13 -7.22 11.25
CA ARG A 278 14.85 -6.36 10.10
C ARG A 278 13.71 -5.39 10.36
N LEU A 279 12.69 -5.80 11.12
CA LEU A 279 11.61 -4.88 11.50
C LEU A 279 12.19 -3.66 12.22
N LYS A 280 13.09 -3.92 13.18
CA LYS A 280 13.77 -2.83 13.90
CA LYS A 280 13.76 -2.84 13.90
C LYS A 280 14.60 -1.96 12.95
N GLU A 281 15.40 -2.60 12.11
CA GLU A 281 16.25 -1.91 11.14
CA GLU A 281 16.25 -1.87 11.19
C GLU A 281 15.46 -0.97 10.24
N ASN A 282 14.32 -1.46 9.78
CA ASN A 282 13.49 -0.74 8.82
C ASN A 282 12.79 0.50 9.40
N LEU A 283 12.72 0.60 10.72
CA LEU A 283 12.26 1.83 11.39
C LEU A 283 13.33 2.88 11.60
N ASP A 284 14.62 2.53 11.45
CA ASP A 284 15.70 3.50 11.67
CA ASP A 284 15.73 3.43 11.67
C ASP A 284 15.96 4.30 10.42
N VAL A 285 15.00 5.16 10.11
CA VAL A 285 15.03 5.99 8.93
C VAL A 285 14.63 7.43 9.20
N PHE A 286 14.72 7.85 10.47
CA PHE A 286 14.29 9.19 10.88
C PHE A 286 15.39 10.14 11.35
N ASP A 287 16.43 9.61 12.00
CA ASP A 287 17.41 10.46 12.70
C ASP A 287 18.60 10.85 11.82
N TRP A 288 18.56 10.45 10.56
CA TRP A 288 19.63 10.72 9.61
C TRP A 288 18.96 10.88 8.25
N SER A 289 19.73 11.36 7.29
CA SER A 289 19.20 11.60 5.97
C SER A 289 20.25 11.31 4.91
N ILE A 290 19.78 11.26 3.66
CA ILE A 290 20.65 11.15 2.51
C ILE A 290 20.94 12.57 2.00
N PRO A 291 22.23 12.98 2.03
CA PRO A 291 22.54 14.31 1.54
C PRO A 291 22.27 14.46 0.04
N GLU A 292 21.99 15.69 -0.41
CA GLU A 292 21.54 15.95 -1.77
C GLU A 292 22.50 15.43 -2.85
N ASP A 293 23.81 15.53 -2.59
CA ASP A 293 24.81 15.08 -3.57
C ASP A 293 24.73 13.58 -3.84
N LEU A 294 24.28 12.83 -2.83
CA LEU A 294 24.03 11.40 -2.99
C LEU A 294 22.60 11.15 -3.46
N PHE A 295 21.65 11.93 -2.97
CA PHE A 295 20.24 11.77 -3.32
C PHE A 295 20.01 11.93 -4.82
N THR A 296 20.74 12.85 -5.44
CA THR A 296 20.62 13.09 -6.86
C THR A 296 21.12 11.90 -7.71
N LYS A 297 22.02 11.10 -7.17
CA LYS A 297 22.57 9.94 -7.90
C LYS A 297 21.51 8.89 -8.24
N PHE A 298 20.42 8.87 -7.48
CA PHE A 298 19.34 7.90 -7.73
C PHE A 298 18.66 8.11 -9.07
N SER A 299 18.85 9.27 -9.69
CA SER A 299 18.24 9.57 -10.98
CA SER A 299 18.23 9.55 -10.99
C SER A 299 18.75 8.69 -12.12
N ASN A 300 19.90 8.04 -11.92
CA ASN A 300 20.53 7.23 -12.96
CA ASN A 300 20.53 7.22 -12.97
C ASN A 300 20.25 5.72 -12.84
N ILE A 301 19.38 5.33 -11.91
CA ILE A 301 19.04 3.93 -11.72
C ILE A 301 18.07 3.47 -12.82
N PRO A 302 18.37 2.35 -13.51
CA PRO A 302 17.45 1.85 -14.52
C PRO A 302 16.08 1.53 -13.91
N GLN A 303 15.02 1.83 -14.63
CA GLN A 303 13.65 1.75 -14.12
C GLN A 303 12.92 0.51 -14.66
N GLU A 304 12.25 -0.21 -13.76
CA GLU A 304 11.50 -1.40 -14.08
C GLU A 304 10.44 -1.60 -13.01
N LYS A 305 9.24 -2.01 -13.42
CA LYS A 305 8.15 -2.29 -12.49
C LYS A 305 8.07 -3.77 -12.24
N PHE A 306 8.01 -4.15 -10.96
CA PHE A 306 8.02 -5.55 -10.57
C PHE A 306 6.65 -6.17 -10.42
N CYS A 307 5.66 -5.41 -9.99
CA CYS A 307 4.31 -5.95 -9.84
CA CYS A 307 4.32 -5.94 -9.81
C CYS A 307 3.53 -5.53 -11.07
N ARG A 308 3.50 -6.44 -12.05
CA ARG A 308 3.08 -6.10 -13.40
C ARG A 308 1.60 -6.32 -13.70
N ALA A 309 0.93 -7.11 -12.85
CA ALA A 309 -0.52 -7.34 -12.91
C ALA A 309 -0.95 -7.95 -14.23
N THR A 310 -0.14 -8.87 -14.73
CA THR A 310 -0.51 -9.60 -15.93
C THR A 310 -1.84 -10.32 -15.72
N GLU A 311 -2.15 -10.67 -14.48
CA GLU A 311 -3.35 -11.44 -14.17
C GLU A 311 -4.64 -10.63 -14.32
N PHE A 312 -4.53 -9.30 -14.42
CA PHE A 312 -5.70 -8.45 -14.56
C PHE A 312 -5.92 -7.96 -15.99
N ALA A 313 -5.15 -8.50 -16.95
CA ALA A 313 -5.33 -8.16 -18.37
C ALA A 313 -5.34 -9.41 -19.21
N HIS A 314 -6.10 -9.39 -20.30
CA HIS A 314 -6.05 -10.49 -21.24
C HIS A 314 -6.60 -10.04 -22.58
N GLU A 315 -5.91 -10.41 -23.66
CA GLU A 315 -6.21 -9.99 -25.03
CA GLU A 315 -6.27 -9.90 -24.99
C GLU A 315 -7.62 -10.38 -25.50
N THR A 316 -8.09 -11.50 -25.01
CA THR A 316 -9.38 -12.06 -25.43
C THR A 316 -10.43 -11.87 -24.35
N HIS A 317 -10.10 -12.19 -23.11
CA HIS A 317 -11.09 -12.28 -22.05
C HIS A 317 -11.12 -11.09 -21.11
N GLY A 318 -10.14 -10.21 -21.22
CA GLY A 318 -10.01 -9.12 -20.28
C GLY A 318 -10.82 -7.90 -20.66
N PHE A 319 -11.05 -7.03 -19.67
CA PHE A 319 -11.46 -5.67 -19.99
C PHE A 319 -10.24 -4.89 -20.47
N TYR A 320 -9.21 -4.83 -19.63
CA TYR A 320 -7.90 -4.37 -20.05
C TYR A 320 -7.30 -5.51 -20.88
N LYS A 321 -6.92 -5.19 -22.11
CA LYS A 321 -6.44 -6.20 -23.05
CA LYS A 321 -6.44 -6.20 -23.05
C LYS A 321 -4.97 -6.52 -22.84
N THR A 322 -4.22 -5.55 -22.31
CA THR A 322 -2.79 -5.67 -22.06
C THR A 322 -2.48 -4.93 -20.75
N ILE A 323 -1.33 -5.25 -20.16
CA ILE A 323 -0.94 -4.53 -18.97
C ILE A 323 -0.64 -3.08 -19.28
N GLU A 324 -0.23 -2.76 -20.50
CA GLU A 324 -0.03 -1.37 -20.89
C GLU A 324 -1.34 -0.58 -20.81
N GLU A 325 -2.46 -1.21 -21.18
CA GLU A 325 -3.78 -0.60 -20.95
C GLU A 325 -4.11 -0.43 -19.47
N LEU A 326 -3.88 -1.48 -18.67
CA LEU A 326 -4.15 -1.45 -17.24
CA LEU A 326 -4.21 -1.40 -17.25
C LEU A 326 -3.47 -0.26 -16.57
N TRP A 327 -2.19 -0.09 -16.90
CA TRP A 327 -1.37 0.97 -16.33
C TRP A 327 -1.39 2.27 -17.13
N ASP A 328 -2.19 2.37 -18.20
CA ASP A 328 -2.15 3.54 -19.08
C ASP A 328 -0.72 3.94 -19.44
N GLY A 329 0.07 2.92 -19.78
CA GLY A 329 1.44 3.10 -20.23
C GLY A 329 2.47 3.30 -19.14
N GLU A 330 2.05 3.35 -17.88
CA GLU A 330 2.95 3.55 -16.75
C GLU A 330 3.56 2.23 -16.30
N ILE A 331 4.39 1.68 -17.19
CA ILE A 331 5.04 0.40 -17.00
C ILE A 331 6.17 0.31 -18.01
PA NAP B . 8.97 -5.31 0.49
O1A NAP B . 9.36 -4.52 -0.70
O2A NAP B . 8.57 -4.50 1.70
O5B NAP B . 10.18 -6.29 0.75
O5B NAP B . 10.15 -6.29 0.97
C5B NAP B . 10.00 -7.44 1.53
C5B NAP B . 10.49 -7.48 0.29
C4B NAP B . 11.18 -8.36 1.25
C4B NAP B . 11.30 -8.45 1.15
O4B NAP B . 12.42 -7.81 1.69
C3B NAP B . 10.89 -9.62 2.02
C3B NAP B . 10.61 -9.06 2.36
O3B NAP B . 11.36 -10.72 1.27
O3B NAP B . 9.95 -10.23 2.01
C2B NAP B . 11.72 -9.39 3.27
C2B NAP B . 11.73 -9.30 3.40
O2B NAP B . 12.12 -10.65 3.69
C1B NAP B . 12.91 -8.54 2.81
N9A NAP B . 13.43 -7.56 3.77
C8A NAP B . 12.71 -6.75 4.65
N7A NAP B . 13.55 -5.97 5.32
C5A NAP B . 14.81 -6.24 4.91
C6A NAP B . 16.03 -5.71 5.32
N6A NAP B . 16.14 -4.74 6.26
N1A NAP B . 17.16 -6.19 4.72
C2A NAP B . 17.07 -7.19 3.75
N3A NAP B . 15.86 -7.72 3.36
C4A NAP B . 14.75 -7.24 3.95
O3 NAP B . 7.80 -6.37 0.10
PN NAP B . 6.27 -6.36 -0.21
O1N NAP B . 5.63 -7.27 0.77
O2N NAP B . 6.13 -6.68 -1.68
O5D NAP B . 5.75 -4.85 -0.06
C5D NAP B . 5.49 -4.30 1.23
C4D NAP B . 4.01 -4.21 1.51
O4D NAP B . 3.34 -3.40 0.56
C3D NAP B . 3.22 -5.51 1.41
O3D NAP B . 3.47 -6.41 2.47
C2D NAP B . 1.82 -5.01 1.37
O2D NAP B . 1.41 -4.59 2.66
C1D NAP B . 2.00 -3.80 0.44
N1N NAP B . 1.74 -4.11 -1.00
C2N NAP B . 0.59 -3.64 -1.54
C3N NAP B . 0.34 -3.92 -2.88
C7N NAP B . -0.87 -3.38 -3.50
O7N NAP B . -1.34 -3.95 -4.64
N7N NAP B . -1.53 -2.36 -2.95
C4N NAP B . 1.22 -4.68 -3.66
C5N NAP B . 2.39 -5.13 -3.07
C6N NAP B . 2.64 -4.84 -1.73
P2B NAP B . 11.86 -11.20 5.16
O1X NAP B . 10.40 -11.10 5.47
O2X NAP B . 12.25 -12.68 4.99
O3X NAP B . 12.75 -10.42 6.03
C ACT C . -0.37 -7.35 -2.89
O ACT C . -1.24 -6.56 -2.50
OXT ACT C . -0.45 -7.70 -4.10
CH3 ACT C . 0.69 -7.84 -1.95
C1 EDO D . 6.45 4.68 12.08
O1 EDO D . 6.15 5.73 11.13
C2 EDO D . 5.21 4.12 12.80
O2 EDO D . 4.42 3.12 12.09
C1 EDO E . 4.81 6.31 -13.82
O1 EDO E . 6.22 6.40 -14.06
C2 EDO E . 4.20 7.68 -13.53
O2 EDO E . 4.88 8.27 -12.42
C1 EDO F . -5.43 -12.80 -16.81
O1 EDO F . -5.71 -13.44 -15.55
C2 EDO F . -4.16 -13.41 -17.37
O2 EDO F . -3.87 -12.89 -18.66
C1 EDO G . -3.55 7.21 13.47
O1 EDO G . -2.25 7.74 13.12
C2 EDO G . -4.64 8.27 13.33
O2 EDO G . -4.63 9.01 12.11
C1 EDO H . 13.81 -0.46 19.12
O1 EDO H . 13.78 -1.83 19.43
C2 EDO H . 12.43 0.00 18.81
O2 EDO H . 12.42 0.13 17.39
C1 EDO I . 16.74 -10.33 -16.08
O1 EDO I . 15.57 -10.60 -16.85
C2 EDO I . 16.54 -9.04 -15.28
O2 EDO I . 16.22 -7.95 -16.15
C1 EDO J . -23.83 8.53 1.26
O1 EDO J . -22.41 8.49 1.13
C2 EDO J . -24.30 7.48 2.26
O2 EDO J . -23.90 7.80 3.60
C1 EDO K . -3.46 17.50 1.69
O1 EDO K . -4.60 18.31 2.02
C2 EDO K . -2.53 17.44 2.90
O2 EDO K . -2.15 18.77 3.30
C1 EDO L . 10.64 -5.86 -17.54
O1 EDO L . 9.89 -6.89 -16.88
C2 EDO L . 10.43 -5.94 -19.05
O2 EDO L . 9.19 -5.32 -19.41
C1 EDO M . -15.42 -9.22 -19.87
O1 EDO M . -15.37 -9.83 -21.18
C2 EDO M . -14.42 -8.09 -19.79
O2 EDO M . -14.87 -6.92 -20.49
C1 EDO N . 13.38 9.31 -12.16
O1 EDO N . 12.18 9.59 -12.89
C2 EDO N . 13.88 7.92 -12.52
O2 EDO N . 14.24 7.84 -13.91
C1 EDO O . -1.89 -9.02 -9.48
O1 EDO O . -0.59 -8.95 -8.86
C2 EDO O . -2.73 -10.10 -8.80
O2 EDO O . -2.60 -10.01 -7.36
#